data_5KJT
#
_entry.id   5KJT
#
_cell.length_a   99.190
_cell.length_b   99.190
_cell.length_c   84.630
_cell.angle_alpha   90.00
_cell.angle_beta   90.00
_cell.angle_gamma   120.00
#
_symmetry.space_group_name_H-M   'P 32 2 1'
#
loop_
_entity.id
_entity.type
_entity.pdbx_description
1 polymer 'Shikimate O-hydroxycinnamoyltransferase'
2 non-polymer p-coumaroyl-CoA
3 water water
#
_entity_poly.entity_id   1
_entity_poly.type   'polypeptide(L)'
_entity_poly.pdbx_seq_one_letter_code
;MKINIRDSTMVRPATETPITNLWNSNVDLVIPRFHTPSVYFYRPTGASNFFDPQVMKEALSKALVPFYPMAGRLKRDDDG
RIEIDCNGAGVLFVVADTPSVIDDFGDFAPTLNLRQLIPEVDHSAGIHSFPLLVLQVTFFKCGGASLGVGMQHHAADGFS
GLHFINTWSDMARGLDLTIPPFIDRTLLRARDPPQPAFHHVEYQPAPSMKIPLDPSKSGPENTTVSIFKLTRDQLVALKA
KSKEDGNTVSYSSYEMLAGHVWRSVGKARGLPNDQETKLYIATDGRSRLRPQLPPGYFGNVIFTATPLAVAGDLLSKPTW
YAAGQIHDFLVRMDDNYLRSALDYLEMQPDLSALVRGAHTYKCPNLGITSWVRLPIYDADFGWGRPIFMGPGGIPYEGLS
FVLPSPTNDGSLSVAIALQSEHMKLFEKFLFEI
;
_entity_poly.pdbx_strand_id   A
#
# COMPACT_ATOMS: atom_id res chain seq x y z
N MET A 1 -7.58 -22.45 -10.05
CA MET A 1 -7.82 -21.04 -10.33
C MET A 1 -7.23 -20.66 -11.69
N LYS A 2 -7.98 -20.89 -12.77
CA LYS A 2 -7.48 -20.68 -14.12
C LYS A 2 -8.10 -19.47 -14.81
N ILE A 3 -7.22 -18.62 -15.35
CA ILE A 3 -7.59 -17.36 -15.94
C ILE A 3 -7.51 -17.40 -17.46
N ASN A 4 -8.60 -17.02 -18.13
CA ASN A 4 -8.61 -17.01 -19.58
C ASN A 4 -8.75 -15.60 -20.12
N ILE A 5 -7.62 -15.01 -20.51
CA ILE A 5 -7.65 -13.66 -21.07
C ILE A 5 -8.57 -13.65 -22.27
N ARG A 6 -9.52 -12.72 -22.28
CA ARG A 6 -10.47 -12.61 -23.36
C ARG A 6 -10.04 -11.53 -24.36
N ASP A 7 -9.49 -10.43 -23.86
CA ASP A 7 -9.13 -9.29 -24.69
C ASP A 7 -8.13 -8.38 -23.99
N SER A 8 -7.20 -7.81 -24.76
CA SER A 8 -6.17 -6.93 -24.19
C SER A 8 -6.04 -5.63 -24.99
N THR A 9 -6.02 -4.50 -24.28
CA THR A 9 -6.01 -3.20 -24.95
C THR A 9 -5.13 -2.14 -24.26
N MET A 10 -4.29 -1.47 -25.05
CA MET A 10 -3.51 -0.35 -24.58
C MET A 10 -4.31 0.94 -24.72
N VAL A 11 -4.98 1.36 -23.64
CA VAL A 11 -5.84 2.52 -23.67
C VAL A 11 -5.03 3.81 -23.56
N ARG A 12 -5.31 4.76 -24.44
CA ARG A 12 -4.59 6.03 -24.47
C ARG A 12 -5.51 7.17 -24.01
N PRO A 13 -4.94 8.29 -23.55
CA PRO A 13 -5.77 9.43 -23.14
C PRO A 13 -6.72 9.84 -24.26
N ALA A 14 -7.95 10.22 -23.90
CA ALA A 14 -8.98 10.50 -24.89
C ALA A 14 -8.57 11.60 -25.86
N THR A 15 -7.87 12.61 -25.36
CA THR A 15 -7.38 13.69 -26.21
C THR A 15 -5.88 13.91 -26.00
N GLU A 16 -5.32 14.86 -26.75
CA GLU A 16 -3.89 15.20 -26.65
C GLU A 16 -3.52 15.66 -25.25
N THR A 17 -2.56 14.98 -24.62
CA THR A 17 -2.10 15.37 -23.29
C THR A 17 -0.71 16.00 -23.40
N PRO A 18 -0.26 16.75 -22.36
CA PRO A 18 1.04 17.41 -22.47
C PRO A 18 2.21 16.45 -22.60
N ILE A 19 3.11 16.72 -23.56
CA ILE A 19 4.31 15.93 -23.71
C ILE A 19 5.44 16.56 -22.90
N THR A 20 5.81 15.90 -21.81
CA THR A 20 6.77 16.47 -20.88
C THR A 20 7.40 15.41 -19.99
N ASN A 21 8.50 15.77 -19.32
CA ASN A 21 9.14 14.88 -18.37
C ASN A 21 8.80 15.34 -16.96
N LEU A 22 8.38 14.39 -16.13
CA LEU A 22 7.90 14.72 -14.79
C LEU A 22 8.94 14.32 -13.75
N TRP A 23 9.53 15.32 -13.11
CA TRP A 23 10.57 15.09 -12.10
C TRP A 23 10.02 14.30 -10.91
N ASN A 24 10.81 13.35 -10.42
CA ASN A 24 10.50 12.63 -9.20
C ASN A 24 11.24 13.22 -8.01
N SER A 25 10.55 13.39 -6.89
CA SER A 25 11.20 13.83 -5.67
C SER A 25 11.93 12.65 -5.02
N ASN A 26 12.64 12.91 -3.93
CA ASN A 26 13.36 11.85 -3.25
C ASN A 26 12.42 10.74 -2.74
N VAL A 27 11.18 11.08 -2.38
CA VAL A 27 10.26 10.06 -1.86
C VAL A 27 9.43 9.41 -2.97
N ASP A 28 9.55 9.90 -4.21
CA ASP A 28 9.03 9.17 -5.36
C ASP A 28 10.08 8.18 -5.85
N LEU A 29 11.28 8.26 -5.27
CA LEU A 29 12.38 7.42 -5.73
C LEU A 29 12.70 6.31 -4.72
N VAL A 30 12.50 6.59 -3.44
CA VAL A 30 12.88 5.65 -2.40
C VAL A 30 11.76 4.62 -2.16
N ILE A 31 10.88 4.51 -3.16
CA ILE A 31 9.72 3.62 -3.12
C ILE A 31 10.02 2.24 -3.70
N PRO A 32 9.21 1.23 -3.32
CA PRO A 32 9.26 -0.11 -3.91
C PRO A 32 9.32 -0.09 -5.44
N ARG A 33 10.05 -1.06 -6.00
CA ARG A 33 10.37 -1.10 -7.43
C ARG A 33 9.31 -1.78 -8.27
N PHE A 34 8.20 -2.14 -7.65
CA PHE A 34 7.20 -2.97 -8.31
C PHE A 34 5.88 -2.27 -8.53
N HIS A 35 4.96 -2.99 -9.17
CA HIS A 35 3.60 -2.52 -9.34
C HIS A 35 2.77 -2.91 -8.14
N THR A 36 2.37 -1.91 -7.35
CA THR A 36 1.56 -2.17 -6.17
C THR A 36 0.26 -2.85 -6.56
N PRO A 37 0.04 -4.07 -6.06
CA PRO A 37 -1.16 -4.82 -6.39
C PRO A 37 -2.33 -4.51 -5.45
N SER A 38 -3.47 -4.17 -6.04
CA SER A 38 -4.70 -4.02 -5.28
C SER A 38 -5.84 -4.68 -6.04
N VAL A 39 -6.85 -5.12 -5.31
CA VAL A 39 -7.95 -5.87 -5.93
C VAL A 39 -9.31 -5.46 -5.36
N TYR A 40 -10.25 -5.20 -6.26
CA TYR A 40 -11.65 -4.92 -5.91
C TYR A 40 -12.52 -6.10 -6.31
N PHE A 41 -13.50 -6.46 -5.47
CA PHE A 41 -14.47 -7.50 -5.83
C PHE A 41 -15.89 -6.92 -5.89
N TYR A 42 -16.65 -7.25 -6.94
CA TYR A 42 -18.03 -6.76 -7.09
C TYR A 42 -19.04 -7.88 -7.35
N ARG A 43 -20.11 -7.92 -6.55
CA ARG A 43 -21.26 -8.78 -6.85
C ARG A 43 -22.00 -8.25 -8.09
N PRO A 44 -22.59 -9.16 -8.89
CA PRO A 44 -23.36 -8.73 -10.06
C PRO A 44 -24.66 -8.05 -9.66
N THR A 45 -25.11 -7.03 -10.39
CA THR A 45 -26.42 -6.46 -10.14
C THR A 45 -27.50 -7.35 -10.72
N GLY A 46 -27.10 -8.18 -11.68
CA GLY A 46 -28.05 -8.99 -12.43
C GLY A 46 -28.28 -8.42 -13.81
N ALA A 47 -27.77 -7.22 -14.05
CA ALA A 47 -27.94 -6.55 -15.34
C ALA A 47 -26.95 -7.08 -16.37
N SER A 48 -27.40 -7.20 -17.61
CA SER A 48 -26.52 -7.60 -18.70
C SER A 48 -25.37 -6.59 -18.86
N ASN A 49 -25.63 -5.36 -18.43
CA ASN A 49 -24.71 -4.23 -18.49
C ASN A 49 -23.39 -4.37 -17.70
N PHE A 50 -23.36 -5.30 -16.76
CA PHE A 50 -22.36 -5.35 -15.69
C PHE A 50 -20.90 -5.26 -16.18
N PHE A 51 -20.26 -4.14 -15.86
CA PHE A 51 -18.87 -3.87 -16.18
C PHE A 51 -18.57 -3.98 -17.68
N ASP A 52 -19.45 -3.41 -18.48
CA ASP A 52 -19.24 -3.30 -19.92
C ASP A 52 -17.86 -2.72 -20.23
N PRO A 53 -17.01 -3.52 -20.87
CA PRO A 53 -15.64 -3.10 -21.17
C PRO A 53 -15.58 -1.77 -21.92
N GLN A 54 -16.49 -1.55 -22.86
CA GLN A 54 -16.52 -0.29 -23.60
C GLN A 54 -16.77 0.89 -22.66
N VAL A 55 -17.70 0.74 -21.72
CA VAL A 55 -17.95 1.77 -20.74
C VAL A 55 -16.68 2.02 -19.92
N MET A 56 -16.05 0.94 -19.46
CA MET A 56 -14.81 1.04 -18.68
C MET A 56 -13.66 1.69 -19.45
N LYS A 57 -13.50 1.34 -20.72
CA LYS A 57 -12.37 1.81 -21.50
C LYS A 57 -12.54 3.28 -21.90
N GLU A 58 -13.76 3.67 -22.25
CA GLU A 58 -14.06 5.07 -22.55
C GLU A 58 -13.84 5.96 -21.33
N ALA A 59 -14.27 5.49 -20.16
CA ALA A 59 -14.05 6.19 -18.91
C ALA A 59 -12.56 6.29 -18.58
N LEU A 60 -11.84 5.17 -18.74
CA LEU A 60 -10.40 5.12 -18.51
C LEU A 60 -9.67 6.18 -19.33
N SER A 61 -10.03 6.24 -20.61
CA SER A 61 -9.44 7.18 -21.55
C SER A 61 -9.70 8.63 -21.14
N LYS A 62 -10.91 8.90 -20.67
CA LYS A 62 -11.26 10.23 -20.16
C LYS A 62 -10.43 10.61 -18.94
N ALA A 63 -10.28 9.69 -18.00
CA ALA A 63 -9.56 9.95 -16.76
C ALA A 63 -8.07 10.14 -17.02
N LEU A 64 -7.59 9.55 -18.11
CA LEU A 64 -6.17 9.62 -18.44
C LEU A 64 -5.80 10.96 -19.09
N VAL A 65 -6.76 11.88 -19.22
CA VAL A 65 -6.45 13.23 -19.69
C VAL A 65 -6.00 14.13 -18.52
N PRO A 66 -6.81 14.25 -17.43
CA PRO A 66 -6.25 15.00 -16.30
C PRO A 66 -5.08 14.28 -15.61
N PHE A 67 -5.19 12.97 -15.45
CA PHE A 67 -4.11 12.17 -14.88
C PHE A 67 -3.18 11.60 -15.95
N TYR A 68 -2.77 12.42 -16.90
CA TYR A 68 -1.96 11.95 -18.01
C TYR A 68 -0.62 11.25 -17.66
N PRO A 69 0.08 11.69 -16.58
CA PRO A 69 1.34 10.98 -16.28
C PRO A 69 1.14 9.47 -16.05
N MET A 70 -0.08 9.09 -15.68
CA MET A 70 -0.41 7.69 -15.41
C MET A 70 -0.32 6.87 -16.69
N ALA A 71 -0.33 7.55 -17.83
CA ALA A 71 -0.26 6.89 -19.12
C ALA A 71 1.14 6.95 -19.73
N GLY A 72 2.10 7.44 -18.95
CA GLY A 72 3.47 7.59 -19.42
C GLY A 72 4.37 6.42 -19.12
N ARG A 73 5.68 6.64 -19.21
CA ARG A 73 6.66 5.58 -19.00
C ARG A 73 7.81 6.09 -18.13
N LEU A 74 8.58 5.16 -17.56
CA LEU A 74 9.81 5.51 -16.86
C LEU A 74 10.93 5.79 -17.85
N LYS A 75 11.78 6.76 -17.54
CA LYS A 75 13.05 6.96 -18.23
C LYS A 75 14.00 7.63 -17.26
N ARG A 76 15.30 7.62 -17.57
CA ARG A 76 16.27 8.32 -16.73
C ARG A 76 16.70 9.63 -17.39
N ASP A 77 17.01 10.62 -16.57
CA ASP A 77 17.56 11.88 -17.07
C ASP A 77 19.05 11.72 -17.36
N ASP A 78 19.72 12.81 -17.68
CA ASP A 78 21.14 12.74 -18.03
C ASP A 78 22.02 12.39 -16.82
N ASP A 79 21.43 12.38 -15.61
CA ASP A 79 22.18 11.99 -14.42
C ASP A 79 21.79 10.61 -13.90
N GLY A 80 21.01 9.87 -14.68
CA GLY A 80 20.57 8.55 -14.27
C GLY A 80 19.42 8.55 -13.28
N ARG A 81 18.82 9.71 -13.05
CA ARG A 81 17.68 9.81 -12.16
C ARG A 81 16.40 9.40 -12.88
N ILE A 82 15.62 8.53 -12.24
CA ILE A 82 14.37 8.05 -12.80
C ILE A 82 13.32 9.16 -12.78
N GLU A 83 12.75 9.44 -13.96
CA GLU A 83 11.67 10.40 -14.11
C GLU A 83 10.55 9.79 -14.94
N ILE A 84 9.38 10.43 -14.95
CA ILE A 84 8.26 9.94 -15.76
C ILE A 84 8.27 10.60 -17.13
N ASP A 85 8.40 9.78 -18.17
CA ASP A 85 8.24 10.27 -19.53
C ASP A 85 6.77 10.32 -19.88
N CYS A 86 6.17 11.51 -19.77
CA CYS A 86 4.76 11.66 -20.10
C CYS A 86 4.57 11.64 -21.60
N ASN A 87 4.49 10.44 -22.16
CA ASN A 87 4.37 10.28 -23.61
C ASN A 87 3.00 9.78 -24.05
N GLY A 88 2.06 9.72 -23.11
CA GLY A 88 0.69 9.32 -23.39
C GLY A 88 0.58 7.97 -24.06
N ALA A 89 1.57 7.11 -23.80
CA ALA A 89 1.65 5.81 -24.46
C ALA A 89 0.48 4.94 -24.03
N GLY A 90 0.06 5.12 -22.79
CA GLY A 90 -1.17 4.50 -22.36
C GLY A 90 -1.09 3.48 -21.24
N VAL A 91 -2.26 2.95 -20.89
CA VAL A 91 -2.44 2.04 -19.78
C VAL A 91 -2.97 0.71 -20.30
N LEU A 92 -2.41 -0.39 -19.80
CA LEU A 92 -2.88 -1.72 -20.20
C LEU A 92 -4.23 -2.05 -19.55
N PHE A 93 -5.20 -2.44 -20.36
CA PHE A 93 -6.50 -2.86 -19.85
C PHE A 93 -6.85 -4.24 -20.39
N VAL A 94 -6.94 -5.20 -19.49
CA VAL A 94 -7.18 -6.60 -19.83
C VAL A 94 -8.55 -7.07 -19.33
N VAL A 95 -9.26 -7.82 -20.16
CA VAL A 95 -10.48 -8.51 -19.71
C VAL A 95 -10.27 -10.02 -19.69
N ALA A 96 -10.61 -10.65 -18.58
CA ALA A 96 -10.48 -12.10 -18.47
C ALA A 96 -11.75 -12.77 -17.96
N ASP A 97 -11.84 -14.07 -18.18
CA ASP A 97 -12.91 -14.90 -17.65
C ASP A 97 -12.29 -15.98 -16.77
N THR A 98 -13.10 -16.57 -15.89
CA THR A 98 -12.64 -17.67 -15.06
C THR A 98 -13.83 -18.54 -14.66
N PRO A 99 -13.60 -19.87 -14.58
CA PRO A 99 -14.66 -20.79 -14.15
C PRO A 99 -14.90 -20.72 -12.65
N SER A 100 -14.01 -20.03 -11.95
CA SER A 100 -14.13 -19.89 -10.51
C SER A 100 -15.22 -18.89 -10.16
N VAL A 101 -15.69 -18.97 -8.92
CA VAL A 101 -16.62 -18.00 -8.38
C VAL A 101 -15.91 -17.16 -7.34
N ILE A 102 -16.41 -15.95 -7.12
CA ILE A 102 -15.83 -15.04 -6.15
C ILE A 102 -15.74 -15.69 -4.78
N ASP A 103 -16.75 -16.48 -4.45
CA ASP A 103 -16.83 -17.09 -3.13
C ASP A 103 -15.76 -18.14 -2.88
N ASP A 104 -15.00 -18.50 -3.91
CA ASP A 104 -13.85 -19.41 -3.75
C ASP A 104 -12.79 -18.74 -2.90
N PHE A 105 -12.73 -17.42 -2.99
CA PHE A 105 -11.74 -16.65 -2.26
C PHE A 105 -12.09 -16.55 -0.79
N GLY A 106 -13.23 -17.13 -0.45
CA GLY A 106 -13.68 -17.24 0.93
C GLY A 106 -13.67 -15.92 1.64
N ASP A 107 -12.66 -15.73 2.46
CA ASP A 107 -12.59 -14.57 3.33
C ASP A 107 -11.84 -13.37 2.67
N PHE A 108 -11.19 -13.64 1.54
CA PHE A 108 -10.47 -12.66 0.69
C PHE A 108 -9.07 -12.34 1.19
N ALA A 109 -8.41 -13.31 1.79
CA ALA A 109 -7.02 -13.14 2.19
C ALA A 109 -6.16 -12.89 0.97
N PRO A 110 -5.23 -11.91 1.06
CA PRO A 110 -4.32 -11.61 -0.05
C PRO A 110 -3.36 -12.74 -0.37
N THR A 111 -3.83 -13.99 -0.52
CA THR A 111 -2.98 -15.07 -1.03
C THR A 111 -2.59 -14.65 -2.44
N LEU A 112 -1.65 -15.31 -3.09
CA LEU A 112 -1.25 -14.62 -4.31
C LEU A 112 -1.69 -15.37 -5.60
N ASN A 113 -2.63 -16.31 -5.49
CA ASN A 113 -3.39 -16.65 -6.68
C ASN A 113 -4.35 -15.48 -6.95
N LEU A 114 -4.42 -14.59 -5.96
CA LEU A 114 -5.11 -13.30 -6.11
C LEU A 114 -4.27 -12.37 -6.98
N ARG A 115 -3.00 -12.71 -7.15
CA ARG A 115 -2.12 -11.99 -8.06
C ARG A 115 -2.49 -12.26 -9.52
N GLN A 116 -3.23 -13.35 -9.74
CA GLN A 116 -3.69 -13.72 -11.08
C GLN A 116 -4.78 -12.79 -11.61
N LEU A 117 -5.39 -12.01 -10.71
CA LEU A 117 -6.43 -11.06 -11.10
C LEU A 117 -5.83 -9.74 -11.56
N ILE A 118 -4.50 -9.66 -11.52
CA ILE A 118 -3.76 -8.50 -11.98
C ILE A 118 -2.81 -8.94 -13.08
N PRO A 119 -2.75 -8.17 -14.18
CA PRO A 119 -1.84 -8.59 -15.25
C PRO A 119 -0.40 -8.45 -14.80
N GLU A 120 0.41 -9.48 -15.08
CA GLU A 120 1.79 -9.48 -14.63
C GLU A 120 2.64 -8.66 -15.59
N VAL A 121 3.61 -7.96 -15.01
CA VAL A 121 4.49 -7.10 -15.78
C VAL A 121 5.83 -7.80 -15.95
N ASP A 122 6.33 -7.90 -17.17
CA ASP A 122 7.69 -8.40 -17.27
C ASP A 122 8.67 -7.24 -17.23
N HIS A 123 9.27 -7.11 -16.06
CA HIS A 123 10.27 -6.11 -15.75
C HIS A 123 11.57 -6.33 -16.46
N SER A 124 11.66 -5.75 -17.65
CA SER A 124 12.83 -5.53 -18.46
C SER A 124 13.01 -6.54 -19.56
N ALA A 125 13.50 -5.90 -20.61
CA ALA A 125 12.68 -5.48 -21.72
C ALA A 125 13.10 -4.01 -21.73
N GLY A 126 13.43 -3.52 -20.53
CA GLY A 126 13.85 -2.14 -20.28
C GLY A 126 13.07 -1.50 -19.15
N ILE A 127 13.48 -0.29 -18.79
CA ILE A 127 12.80 0.49 -17.78
C ILE A 127 11.62 1.22 -18.44
N HIS A 128 11.75 1.43 -19.75
CA HIS A 128 10.84 2.30 -20.50
C HIS A 128 9.72 1.54 -21.20
N SER A 129 9.76 0.21 -21.12
CA SER A 129 8.84 -0.62 -21.88
C SER A 129 7.48 -0.78 -21.20
N PHE A 130 7.48 -1.31 -19.98
CA PHE A 130 6.24 -1.62 -19.28
C PHE A 130 5.49 -0.36 -18.85
N PRO A 131 4.17 -0.35 -19.04
CA PRO A 131 3.30 0.76 -18.63
C PRO A 131 3.29 0.93 -17.13
N LEU A 132 2.95 2.13 -16.65
CA LEU A 132 2.97 2.40 -15.22
C LEU A 132 1.78 1.75 -14.53
N LEU A 133 0.69 1.62 -15.26
CA LEU A 133 -0.55 1.10 -14.70
C LEU A 133 -1.10 -0.07 -15.51
N VAL A 134 -1.40 -1.17 -14.83
CA VAL A 134 -2.06 -2.27 -15.48
C VAL A 134 -3.38 -2.58 -14.78
N LEU A 135 -4.36 -2.98 -15.58
CA LEU A 135 -5.72 -3.18 -15.09
C LEU A 135 -6.33 -4.43 -15.69
N GLN A 136 -7.00 -5.19 -14.85
CA GLN A 136 -7.67 -6.40 -15.31
C GLN A 136 -9.06 -6.48 -14.69
N VAL A 137 -10.07 -6.55 -15.54
CA VAL A 137 -11.42 -6.85 -15.09
C VAL A 137 -11.63 -8.34 -15.37
N THR A 138 -12.01 -9.08 -14.35
CA THR A 138 -12.14 -10.53 -14.46
C THR A 138 -13.55 -11.00 -14.16
N PHE A 139 -14.19 -11.63 -15.12
CA PHE A 139 -15.56 -12.09 -14.92
C PHE A 139 -15.60 -13.51 -14.39
N PHE A 140 -16.24 -13.67 -13.24
CA PHE A 140 -16.35 -14.97 -12.58
C PHE A 140 -17.64 -15.66 -13.02
N LYS A 141 -17.67 -16.99 -12.88
CA LYS A 141 -18.84 -17.75 -13.35
C LYS A 141 -20.08 -17.38 -12.57
N CYS A 142 -19.92 -16.86 -11.35
CA CYS A 142 -21.04 -16.47 -10.51
C CYS A 142 -21.72 -15.17 -10.95
N GLY A 143 -21.12 -14.48 -11.91
CA GLY A 143 -21.68 -13.23 -12.39
C GLY A 143 -20.93 -12.00 -11.88
N GLY A 144 -20.27 -12.14 -10.74
CA GLY A 144 -19.48 -11.06 -10.20
C GLY A 144 -18.19 -10.83 -10.99
N ALA A 145 -17.49 -9.75 -10.69
CA ALA A 145 -16.22 -9.46 -11.35
C ALA A 145 -15.23 -8.85 -10.37
N SER A 146 -13.94 -8.90 -10.73
CA SER A 146 -12.92 -8.25 -9.94
C SER A 146 -12.17 -7.22 -10.80
N LEU A 147 -11.74 -6.14 -10.15
CA LEU A 147 -10.83 -5.20 -10.77
C LEU A 147 -9.47 -5.37 -10.11
N GLY A 148 -8.47 -5.72 -10.90
CA GLY A 148 -7.12 -5.84 -10.41
C GLY A 148 -6.28 -4.66 -10.85
N VAL A 149 -5.63 -4.01 -9.89
CA VAL A 149 -4.78 -2.86 -10.19
C VAL A 149 -3.30 -3.17 -9.92
N GLY A 150 -2.45 -2.86 -10.89
CA GLY A 150 -1.02 -2.89 -10.70
C GLY A 150 -0.42 -1.53 -11.02
N MET A 151 -0.06 -0.77 -10.00
CA MET A 151 0.42 0.58 -10.22
C MET A 151 1.89 0.76 -9.85
N GLN A 152 2.69 1.14 -10.83
CA GLN A 152 4.09 1.48 -10.63
C GLN A 152 4.22 2.61 -9.62
N HIS A 153 4.84 2.33 -8.48
CA HIS A 153 4.75 3.27 -7.36
C HIS A 153 5.51 4.60 -7.62
N HIS A 154 6.34 4.66 -8.65
CA HIS A 154 6.95 5.92 -9.04
C HIS A 154 5.91 6.96 -9.47
N ALA A 155 4.79 6.49 -10.00
CA ALA A 155 3.75 7.38 -10.49
C ALA A 155 3.02 8.07 -9.32
N ALA A 156 2.72 7.32 -8.28
CA ALA A 156 1.89 7.83 -7.19
C ALA A 156 1.87 6.92 -5.96
N ASP A 157 1.52 7.49 -4.81
CA ASP A 157 1.22 6.65 -3.65
C ASP A 157 -0.22 6.17 -3.74
N GLY A 158 -0.66 5.40 -2.75
CA GLY A 158 -2.00 4.86 -2.75
C GLY A 158 -3.05 5.95 -2.67
N PHE A 159 -2.64 7.11 -2.16
CA PHE A 159 -3.54 8.25 -2.04
C PHE A 159 -3.86 8.86 -3.40
N SER A 160 -2.82 9.14 -4.19
CA SER A 160 -3.04 9.67 -5.54
C SER A 160 -3.59 8.58 -6.46
N GLY A 161 -3.11 7.35 -6.29
CA GLY A 161 -3.63 6.23 -7.03
C GLY A 161 -5.13 6.10 -6.91
N LEU A 162 -5.65 6.19 -5.69
CA LEU A 162 -7.08 6.08 -5.46
C LEU A 162 -7.80 7.27 -6.04
N HIS A 163 -7.16 8.44 -5.98
CA HIS A 163 -7.67 9.64 -6.63
C HIS A 163 -7.94 9.37 -8.11
N PHE A 164 -7.00 8.72 -8.79
CA PHE A 164 -7.21 8.35 -10.19
C PHE A 164 -8.31 7.29 -10.36
N ILE A 165 -8.23 6.21 -9.59
CA ILE A 165 -9.19 5.12 -9.72
C ILE A 165 -10.61 5.60 -9.49
N ASN A 166 -10.82 6.31 -8.38
CA ASN A 166 -12.14 6.85 -8.07
C ASN A 166 -12.63 7.85 -9.12
N THR A 167 -11.71 8.63 -9.68
CA THR A 167 -12.04 9.58 -10.74
C THR A 167 -12.49 8.81 -11.98
N TRP A 168 -11.80 7.71 -12.25
CA TRP A 168 -12.15 6.82 -13.35
C TRP A 168 -13.56 6.26 -13.17
N SER A 169 -13.83 5.69 -12.00
CA SER A 169 -15.15 5.13 -11.71
C SER A 169 -16.23 6.22 -11.78
N ASP A 170 -15.89 7.44 -11.37
CA ASP A 170 -16.81 8.56 -11.49
C ASP A 170 -17.20 8.82 -12.94
N MET A 171 -16.19 8.87 -13.82
CA MET A 171 -16.42 9.18 -15.21
C MET A 171 -17.19 8.07 -15.91
N ALA A 172 -17.05 6.84 -15.41
CA ALA A 172 -17.82 5.72 -15.92
C ALA A 172 -19.31 5.90 -15.60
N ARG A 173 -19.60 6.74 -14.60
CA ARG A 173 -20.98 7.04 -14.24
C ARG A 173 -21.41 8.39 -14.81
N GLY A 174 -20.71 8.85 -15.85
CA GLY A 174 -21.02 10.10 -16.49
C GLY A 174 -20.74 11.34 -15.65
N LEU A 175 -20.03 11.14 -14.54
CA LEU A 175 -19.66 12.24 -13.67
C LEU A 175 -18.33 12.82 -14.15
N ASP A 176 -18.00 14.01 -13.67
CA ASP A 176 -16.77 14.64 -14.10
C ASP A 176 -15.77 14.71 -12.96
N LEU A 177 -14.56 15.14 -13.30
CA LEU A 177 -13.49 15.36 -12.35
C LEU A 177 -13.98 16.22 -11.17
N THR A 178 -13.56 15.90 -9.96
CA THR A 178 -13.89 16.74 -8.81
C THR A 178 -12.68 17.60 -8.40
N ILE A 179 -11.73 17.01 -7.69
CA ILE A 179 -10.47 17.69 -7.41
C ILE A 179 -9.45 17.36 -8.48
N PRO A 180 -9.03 18.37 -9.26
CA PRO A 180 -8.07 18.10 -10.33
C PRO A 180 -6.73 17.68 -9.76
N PRO A 181 -6.03 16.77 -10.45
CA PRO A 181 -4.65 16.46 -10.07
C PRO A 181 -3.77 17.70 -10.15
N PHE A 182 -3.02 17.96 -9.08
CA PHE A 182 -1.97 18.97 -9.11
C PHE A 182 -0.66 18.25 -9.40
N ILE A 183 -0.01 18.62 -10.50
CA ILE A 183 1.13 17.85 -10.98
C ILE A 183 2.45 18.64 -10.97
N ASP A 184 3.20 18.47 -9.88
CA ASP A 184 4.48 19.16 -9.67
C ASP A 184 5.11 18.67 -8.36
N ARG A 185 6.01 17.70 -8.45
CA ARG A 185 6.61 17.15 -7.25
C ARG A 185 7.76 18.01 -6.70
N THR A 186 8.10 19.09 -7.39
CA THR A 186 9.22 19.92 -6.94
C THR A 186 8.90 20.65 -5.62
N LEU A 187 7.67 20.54 -5.15
CA LEU A 187 7.32 21.07 -3.83
C LEU A 187 8.00 20.24 -2.74
N LEU A 188 8.46 19.05 -3.10
CA LEU A 188 9.20 18.22 -2.16
C LEU A 188 10.68 18.21 -2.49
N ARG A 189 11.13 19.20 -3.26
CA ARG A 189 12.55 19.35 -3.53
C ARG A 189 13.28 19.57 -2.23
N ALA A 190 14.44 18.94 -2.10
CA ALA A 190 15.25 19.07 -0.90
C ALA A 190 15.78 20.50 -0.79
N ARG A 191 16.07 20.93 0.43
CA ARG A 191 16.64 22.27 0.62
C ARG A 191 18.06 22.31 0.04
N ASP A 192 18.45 23.48 -0.43
CA ASP A 192 19.76 23.65 -1.04
C ASP A 192 20.54 24.75 -0.34
N PRO A 193 21.62 24.39 0.38
CA PRO A 193 22.12 23.01 0.51
C PRO A 193 21.34 22.16 1.51
N PRO A 194 21.43 20.83 1.38
CA PRO A 194 20.79 19.89 2.30
C PRO A 194 21.32 20.01 3.72
N GLN A 195 20.44 20.24 4.68
CA GLN A 195 20.83 20.24 6.08
C GLN A 195 19.90 19.35 6.91
N PRO A 196 20.25 18.07 7.05
CA PRO A 196 19.50 17.19 7.95
C PRO A 196 19.57 17.71 9.38
N ALA A 197 18.49 17.56 10.15
CA ALA A 197 18.46 18.05 11.52
C ALA A 197 18.31 16.90 12.50
N PHE A 198 17.94 15.74 11.99
CA PHE A 198 17.77 14.56 12.81
C PHE A 198 18.62 13.41 12.32
N HIS A 199 18.84 12.43 13.20
CA HIS A 199 19.29 11.11 12.78
C HIS A 199 18.02 10.33 12.46
N HIS A 200 17.92 9.87 11.22
CA HIS A 200 16.68 9.24 10.78
C HIS A 200 16.74 7.73 10.86
N VAL A 201 16.16 7.21 11.94
CA VAL A 201 16.13 5.78 12.22
C VAL A 201 15.38 5.02 11.12
N GLU A 202 14.40 5.66 10.50
CA GLU A 202 13.64 5.00 9.44
C GLU A 202 14.48 4.63 8.21
N TYR A 203 15.67 5.23 8.06
CA TYR A 203 16.51 4.91 6.92
C TYR A 203 17.76 4.10 7.27
N GLN A 204 17.82 3.64 8.52
CA GLN A 204 18.92 2.77 8.96
C GLN A 204 18.49 1.30 8.81
N PRO A 205 19.47 0.39 8.60
CA PRO A 205 19.17 -1.01 8.33
C PRO A 205 18.38 -1.69 9.44
N ALA A 206 17.45 -2.55 9.06
CA ALA A 206 16.62 -3.26 10.03
C ALA A 206 17.47 -4.27 10.82
N PRO A 207 17.11 -4.50 12.09
CA PRO A 207 17.77 -5.53 12.90
C PRO A 207 17.67 -6.89 12.23
N SER A 208 18.75 -7.67 12.22
CA SER A 208 18.62 -9.03 11.76
C SER A 208 18.48 -9.94 12.97
N MET A 209 18.08 -11.19 12.74
CA MET A 209 17.97 -12.16 13.81
C MET A 209 19.34 -12.50 14.38
N LYS A 210 19.45 -12.56 15.71
CA LYS A 210 20.72 -12.86 16.34
C LYS A 210 21.15 -14.29 15.99
N ILE A 211 20.19 -15.20 16.01
CA ILE A 211 20.41 -16.57 15.61
C ILE A 211 19.71 -16.80 14.28
N PRO A 212 20.48 -17.15 13.24
CA PRO A 212 19.98 -17.20 11.85
C PRO A 212 18.81 -18.15 11.69
N LEU A 213 17.77 -17.69 10.98
CA LEU A 213 16.55 -18.46 10.81
C LEU A 213 16.78 -19.70 9.96
N ASP A 214 15.98 -20.73 10.22
CA ASP A 214 16.00 -21.94 9.40
C ASP A 214 15.43 -21.60 8.04
N PRO A 215 16.22 -21.81 6.98
CA PRO A 215 15.74 -21.45 5.63
C PRO A 215 14.54 -22.28 5.17
N SER A 216 14.40 -23.50 5.66
CA SER A 216 13.27 -24.36 5.29
C SER A 216 11.99 -23.95 6.01
N LYS A 217 12.05 -22.88 6.78
CA LYS A 217 10.88 -22.38 7.49
C LYS A 217 10.62 -20.91 7.14
N SER A 218 11.61 -20.28 6.52
CA SER A 218 11.57 -18.82 6.33
C SER A 218 11.56 -18.37 4.87
N GLY A 219 11.50 -19.31 3.93
CA GLY A 219 11.42 -18.93 2.53
C GLY A 219 10.06 -18.35 2.17
N PRO A 220 9.84 -18.03 0.89
CA PRO A 220 8.49 -17.73 0.41
C PRO A 220 7.62 -18.98 0.47
N GLU A 221 8.27 -20.13 0.31
CA GLU A 221 7.71 -21.39 0.77
C GLU A 221 7.34 -21.19 2.23
N ASN A 222 6.31 -21.87 2.72
CA ASN A 222 6.01 -21.81 4.16
C ASN A 222 5.71 -20.40 4.70
N THR A 223 5.52 -19.44 3.79
CA THR A 223 4.97 -18.14 4.16
C THR A 223 3.48 -18.16 3.84
N THR A 224 2.65 -17.92 4.85
CA THR A 224 1.20 -17.93 4.66
C THR A 224 0.59 -16.53 4.77
N VAL A 225 -0.42 -16.26 3.94
CA VAL A 225 -1.14 -15.00 4.05
C VAL A 225 -2.53 -15.25 4.62
N SER A 226 -2.91 -14.46 5.63
CA SER A 226 -4.25 -14.59 6.20
C SER A 226 -4.90 -13.25 6.50
N ILE A 227 -6.20 -13.31 6.79
CA ILE A 227 -6.97 -12.17 7.27
C ILE A 227 -7.60 -12.45 8.61
N PHE A 228 -7.84 -11.39 9.37
CA PHE A 228 -8.53 -11.50 10.65
C PHE A 228 -9.37 -10.26 10.89
N LYS A 229 -10.53 -10.44 11.50
CA LYS A 229 -11.49 -9.37 11.69
C LYS A 229 -11.62 -9.00 13.17
N LEU A 230 -11.53 -7.71 13.48
CA LEU A 230 -11.82 -7.20 14.83
C LEU A 230 -13.12 -6.38 14.74
N THR A 231 -13.94 -6.41 15.80
CA THR A 231 -15.41 -6.52 15.60
C THR A 231 -16.40 -5.37 15.26
N ARG A 232 -16.31 -4.10 15.65
CA ARG A 232 -15.51 -3.40 16.66
C ARG A 232 -15.21 -4.08 18.00
N ASP A 233 -16.20 -4.07 18.90
CA ASP A 233 -16.06 -4.37 20.33
C ASP A 233 -14.67 -4.74 20.84
N GLN A 234 -14.03 -5.70 20.19
CA GLN A 234 -12.63 -6.01 20.47
C GLN A 234 -11.74 -4.79 20.25
N LEU A 235 -12.09 -3.94 19.29
CA LEU A 235 -11.35 -2.71 19.05
C LEU A 235 -11.61 -1.69 20.17
N VAL A 236 -12.83 -1.72 20.71
CA VAL A 236 -13.18 -0.90 21.86
C VAL A 236 -12.35 -1.32 23.07
N ALA A 237 -12.34 -2.62 23.36
CA ALA A 237 -11.58 -3.16 24.47
C ALA A 237 -10.09 -2.93 24.28
N LEU A 238 -9.63 -3.02 23.04
CA LEU A 238 -8.21 -2.87 22.73
C LEU A 238 -7.69 -1.47 23.10
N LYS A 239 -8.41 -0.43 22.67
CA LYS A 239 -8.03 0.95 22.97
C LYS A 239 -8.16 1.23 24.46
N ALA A 240 -8.85 0.35 25.17
CA ALA A 240 -9.05 0.53 26.60
C ALA A 240 -9.45 -0.77 27.31
N LYS A 241 -8.53 -1.57 27.88
CA LYS A 241 -7.05 -1.44 27.98
C LYS A 241 -6.46 -0.05 28.15
N SER A 242 -5.25 0.17 27.65
CA SER A 242 -4.58 1.47 27.80
C SER A 242 -4.52 1.94 29.26
N LYS A 243 -5.67 1.96 29.92
CA LYS A 243 -5.76 2.17 31.36
C LYS A 243 -5.19 0.99 32.14
N GLU A 244 -4.74 -0.02 31.40
CA GLU A 244 -4.22 -1.23 32.00
C GLU A 244 -2.99 -0.97 32.85
N ASP A 245 -2.89 -1.68 33.96
CA ASP A 245 -1.69 -1.63 34.82
C ASP A 245 -1.40 -0.22 35.27
N GLY A 246 -2.44 0.51 35.66
CA GLY A 246 -2.29 1.85 36.20
C GLY A 246 -2.00 2.95 35.20
N ASN A 247 -1.72 2.60 33.95
CA ASN A 247 -1.32 3.59 32.95
C ASN A 247 -2.39 4.65 32.71
N THR A 248 -1.96 5.89 32.64
CA THR A 248 -2.87 7.02 32.66
C THR A 248 -2.92 7.73 31.30
N VAL A 249 -1.86 7.61 30.51
CA VAL A 249 -1.80 8.28 29.23
C VAL A 249 -2.71 7.60 28.19
N SER A 250 -3.48 8.42 27.49
CA SER A 250 -4.44 7.90 26.54
C SER A 250 -3.88 7.92 25.12
N TYR A 251 -3.72 6.74 24.53
CA TYR A 251 -3.21 6.64 23.17
C TYR A 251 -4.36 6.48 22.18
N SER A 252 -4.08 6.62 20.89
CA SER A 252 -5.11 6.57 19.87
C SER A 252 -5.38 5.14 19.39
N SER A 253 -6.52 4.96 18.75
CA SER A 253 -6.95 3.66 18.25
C SER A 253 -5.92 3.01 17.35
N TYR A 254 -5.35 3.78 16.42
CA TYR A 254 -4.29 3.25 15.56
C TYR A 254 -3.10 2.81 16.42
N GLU A 255 -2.69 3.65 17.34
CA GLU A 255 -1.50 3.38 18.14
C GLU A 255 -1.66 2.09 18.94
N MET A 256 -2.80 1.94 19.62
CA MET A 256 -3.09 0.73 20.40
C MET A 256 -3.21 -0.49 19.50
N LEU A 257 -3.83 -0.32 18.34
CA LEU A 257 -3.99 -1.42 17.39
C LEU A 257 -2.65 -1.86 16.81
N ALA A 258 -1.84 -0.89 16.39
CA ALA A 258 -0.58 -1.20 15.73
C ALA A 258 0.39 -1.81 16.74
N GLY A 259 0.33 -1.36 17.99
CA GLY A 259 1.14 -1.94 19.03
C GLY A 259 0.70 -3.36 19.33
N HIS A 260 -0.61 -3.56 19.37
CA HIS A 260 -1.15 -4.88 19.63
C HIS A 260 -0.74 -5.88 18.55
N VAL A 261 -0.83 -5.46 17.29
CA VAL A 261 -0.38 -6.31 16.18
C VAL A 261 1.12 -6.61 16.30
N TRP A 262 1.91 -5.54 16.38
CA TRP A 262 3.35 -5.61 16.59
C TRP A 262 3.70 -6.59 17.69
N ARG A 263 3.06 -6.41 18.84
CA ARG A 263 3.26 -7.26 20.01
C ARG A 263 2.83 -8.70 19.71
N SER A 264 1.63 -8.86 19.15
CA SER A 264 1.11 -10.17 18.80
C SER A 264 2.03 -10.90 17.83
N VAL A 265 2.64 -10.17 16.91
CA VAL A 265 3.56 -10.78 15.96
C VAL A 265 4.79 -11.32 16.68
N GLY A 266 5.36 -10.52 17.58
CA GLY A 266 6.54 -10.93 18.32
C GLY A 266 6.32 -12.19 19.13
N LYS A 267 5.17 -12.27 19.78
CA LYS A 267 4.78 -13.46 20.53
C LYS A 267 4.64 -14.67 19.61
N ALA A 268 3.95 -14.48 18.49
CA ALA A 268 3.73 -15.55 17.52
C ALA A 268 5.05 -16.12 17.02
N ARG A 269 6.05 -15.25 16.91
CA ARG A 269 7.35 -15.62 16.38
C ARG A 269 8.32 -16.14 17.45
N GLY A 270 7.87 -16.14 18.71
CA GLY A 270 8.70 -16.57 19.82
C GLY A 270 10.04 -15.86 19.95
N LEU A 271 10.04 -14.54 19.76
CA LEU A 271 11.28 -13.77 19.83
C LEU A 271 11.92 -13.82 21.23
N PRO A 272 13.20 -14.22 21.30
CA PRO A 272 13.87 -14.26 22.61
C PRO A 272 14.00 -12.86 23.23
N ASN A 273 14.18 -12.80 24.55
CA ASN A 273 14.16 -11.52 25.28
C ASN A 273 15.11 -10.47 24.74
N ASP A 274 16.25 -10.90 24.19
CA ASP A 274 17.28 -9.96 23.77
C ASP A 274 17.18 -9.56 22.30
N GLN A 275 16.14 -10.06 21.62
CA GLN A 275 15.97 -9.80 20.19
C GLN A 275 15.28 -8.46 19.93
N GLU A 276 15.90 -7.65 19.07
CA GLU A 276 15.29 -6.39 18.66
C GLU A 276 14.32 -6.61 17.51
N THR A 277 13.21 -5.87 17.55
CA THR A 277 12.20 -5.91 16.50
C THR A 277 11.89 -4.47 16.10
N LYS A 278 11.91 -4.20 14.80
CA LYS A 278 11.65 -2.87 14.30
C LYS A 278 10.33 -2.85 13.54
N LEU A 279 9.47 -1.89 13.86
CA LEU A 279 8.18 -1.79 13.21
C LEU A 279 8.16 -0.64 12.21
N TYR A 280 7.84 -0.94 10.96
CA TYR A 280 7.78 0.07 9.90
C TYR A 280 6.35 0.55 9.66
N ILE A 281 6.10 1.82 9.94
CA ILE A 281 4.76 2.38 9.77
C ILE A 281 4.74 3.44 8.68
N ALA A 282 4.02 3.16 7.60
CA ALA A 282 3.87 4.12 6.51
C ALA A 282 3.00 5.29 6.95
N THR A 283 3.53 6.49 6.78
CA THR A 283 2.90 7.69 7.30
C THR A 283 2.74 8.72 6.17
N ASP A 284 1.54 9.30 6.05
CA ASP A 284 1.27 10.26 4.99
C ASP A 284 1.67 11.66 5.44
N GLY A 285 2.46 12.35 4.63
CA GLY A 285 2.92 13.69 4.98
C GLY A 285 2.12 14.81 4.36
N ARG A 286 0.98 14.51 3.76
CA ARG A 286 0.16 15.55 3.16
C ARG A 286 -0.33 16.48 4.24
N SER A 287 -0.64 15.90 5.39
CA SER A 287 -1.19 16.63 6.50
C SER A 287 -0.12 17.24 7.40
N ARG A 288 1.13 16.79 7.25
CA ARG A 288 2.18 17.26 8.15
C ARG A 288 3.09 18.34 7.53
N LEU A 289 3.40 18.23 6.24
CA LEU A 289 4.21 19.26 5.56
C LEU A 289 3.52 20.61 5.67
N ARG A 290 4.18 21.55 6.33
CA ARG A 290 3.48 22.76 6.76
C ARG A 290 3.53 23.94 5.82
N PRO A 291 4.34 23.87 4.74
CA PRO A 291 3.90 24.88 3.77
C PRO A 291 2.54 24.47 3.16
N GLN A 292 2.20 23.18 3.25
CA GLN A 292 0.88 22.59 2.98
C GLN A 292 0.54 22.30 1.51
N LEU A 293 0.46 21.02 1.18
CA LEU A 293 0.35 20.55 -0.21
C LEU A 293 -1.04 20.74 -0.83
N PRO A 294 -1.06 21.16 -2.11
CA PRO A 294 -2.31 21.33 -2.87
C PRO A 294 -3.20 20.10 -2.80
N PRO A 295 -4.52 20.31 -2.82
CA PRO A 295 -5.41 19.16 -2.91
C PRO A 295 -5.20 18.50 -4.26
N GLY A 296 -5.23 17.18 -4.30
CA GLY A 296 -5.01 16.48 -5.55
C GLY A 296 -3.55 16.44 -5.95
N TYR A 297 -2.64 16.69 -5.00
CA TYR A 297 -1.21 16.57 -5.26
C TYR A 297 -0.93 15.18 -5.79
N PHE A 298 -0.33 15.11 -6.97
CA PHE A 298 -0.12 13.82 -7.61
C PHE A 298 1.30 13.29 -7.44
N GLY A 299 1.46 12.35 -6.51
CA GLY A 299 2.76 11.75 -6.30
C GLY A 299 2.86 10.98 -4.99
N ASN A 300 4.08 10.78 -4.54
CA ASN A 300 4.33 10.08 -3.30
C ASN A 300 4.62 11.03 -2.16
N VAL A 301 3.87 10.94 -1.09
CA VAL A 301 4.12 11.75 0.10
C VAL A 301 4.12 10.82 1.30
N ILE A 302 4.68 9.64 1.11
CA ILE A 302 4.74 8.66 2.18
C ILE A 302 6.10 8.69 2.87
N PHE A 303 6.05 8.97 4.16
CA PHE A 303 7.24 8.90 5.01
C PHE A 303 7.07 7.70 5.93
N THR A 304 8.07 7.44 6.76
CA THR A 304 8.06 6.21 7.53
C THR A 304 8.46 6.41 8.99
N ALA A 305 7.59 5.99 9.90
CA ALA A 305 7.90 5.92 11.31
C ALA A 305 8.40 4.51 11.62
N THR A 306 9.48 4.41 12.40
CA THR A 306 10.01 3.11 12.76
C THR A 306 10.40 2.97 14.23
N PRO A 307 9.40 2.75 15.10
CA PRO A 307 9.64 2.42 16.51
C PRO A 307 10.39 1.11 16.65
N LEU A 308 11.20 1.00 17.70
CA LEU A 308 12.02 -0.18 17.89
C LEU A 308 12.01 -0.62 19.35
N ALA A 309 12.04 -1.92 19.58
CA ALA A 309 12.02 -2.42 20.94
C ALA A 309 12.77 -3.74 21.06
N VAL A 310 13.26 -4.01 22.26
CA VAL A 310 13.78 -5.34 22.56
C VAL A 310 12.57 -6.19 22.91
N ALA A 311 12.53 -7.41 22.41
CA ALA A 311 11.35 -8.27 22.57
C ALA A 311 11.01 -8.51 24.04
N GLY A 312 12.05 -8.64 24.87
CA GLY A 312 11.88 -8.78 26.30
C GLY A 312 10.99 -7.71 26.90
N ASP A 313 11.11 -6.48 26.38
CA ASP A 313 10.28 -5.39 26.83
C ASP A 313 8.93 -5.39 26.11
N LEU A 314 8.97 -5.53 24.79
CA LEU A 314 7.78 -5.45 23.98
C LEU A 314 6.73 -6.47 24.41
N LEU A 315 7.17 -7.68 24.71
CA LEU A 315 6.22 -8.77 24.93
C LEU A 315 5.82 -8.96 26.40
N SER A 316 6.66 -8.53 27.33
CA SER A 316 6.35 -8.67 28.75
C SER A 316 5.59 -7.47 29.30
N LYS A 317 5.88 -6.28 28.76
CA LYS A 317 5.17 -5.08 29.18
C LYS A 317 3.77 -5.07 28.57
N PRO A 318 2.85 -4.30 29.17
CA PRO A 318 1.49 -4.13 28.63
C PRO A 318 1.47 -3.54 27.21
N THR A 319 0.32 -3.62 26.56
CA THR A 319 0.18 -3.21 25.16
C THR A 319 0.39 -1.69 25.00
N TRP A 320 0.09 -0.92 26.04
CA TRP A 320 0.25 0.53 25.97
C TRP A 320 1.73 0.94 25.93
N TYR A 321 2.62 0.02 26.27
CA TYR A 321 4.03 0.30 26.09
C TYR A 321 4.36 0.29 24.61
N ALA A 322 3.87 -0.71 23.89
CA ALA A 322 4.05 -0.78 22.45
C ALA A 322 3.44 0.45 21.79
N ALA A 323 2.25 0.84 22.24
CA ALA A 323 1.58 2.02 21.71
C ALA A 323 2.37 3.29 22.02
N GLY A 324 3.07 3.29 23.15
CA GLY A 324 3.87 4.44 23.53
C GLY A 324 5.05 4.64 22.60
N GLN A 325 5.73 3.54 22.30
CA GLN A 325 6.88 3.57 21.40
C GLN A 325 6.46 4.11 20.05
N ILE A 326 5.29 3.66 19.60
CA ILE A 326 4.71 4.08 18.33
C ILE A 326 4.45 5.58 18.34
N HIS A 327 3.71 6.02 19.34
CA HIS A 327 3.36 7.43 19.53
C HIS A 327 4.60 8.32 19.59
N ASP A 328 5.65 7.83 20.25
CA ASP A 328 6.89 8.58 20.41
C ASP A 328 7.55 8.91 19.07
N PHE A 329 7.38 8.04 18.07
CA PHE A 329 7.91 8.31 16.74
C PHE A 329 6.93 9.15 15.91
N LEU A 330 5.67 8.72 15.83
CA LEU A 330 4.63 9.42 15.06
C LEU A 330 4.56 10.91 15.38
N VAL A 331 4.73 11.25 16.66
CA VAL A 331 4.58 12.63 17.10
C VAL A 331 5.82 13.47 16.78
N ARG A 332 6.93 12.83 16.46
CA ARG A 332 8.14 13.57 16.13
C ARG A 332 8.13 13.98 14.66
N MET A 333 7.18 13.43 13.91
CA MET A 333 7.21 13.61 12.47
C MET A 333 6.40 14.81 12.01
N ASP A 334 6.82 16.00 12.43
CA ASP A 334 6.22 17.24 11.93
C ASP A 334 6.95 17.67 10.65
N ASP A 335 6.52 18.79 10.07
CA ASP A 335 7.15 19.32 8.88
C ASP A 335 8.67 19.42 8.97
N ASN A 336 9.17 19.91 10.10
CA ASN A 336 10.59 20.06 10.33
C ASN A 336 11.35 18.72 10.18
N TYR A 337 10.80 17.67 10.78
CA TYR A 337 11.39 16.34 10.68
C TYR A 337 11.31 15.81 9.24
N LEU A 338 10.17 16.03 8.60
CA LEU A 338 9.99 15.56 7.22
C LEU A 338 10.94 16.27 6.27
N ARG A 339 11.09 17.59 6.42
CA ARG A 339 12.04 18.36 5.62
C ARG A 339 13.46 17.84 5.86
N SER A 340 13.78 17.60 7.14
CA SER A 340 15.05 16.98 7.48
C SER A 340 15.24 15.67 6.73
N ALA A 341 14.17 14.88 6.64
CA ALA A 341 14.23 13.59 5.97
C ALA A 341 14.55 13.74 4.48
N LEU A 342 13.90 14.69 3.81
CA LEU A 342 14.16 14.93 2.39
C LEU A 342 15.61 15.33 2.16
N ASP A 343 16.18 16.11 3.09
CA ASP A 343 17.55 16.56 2.96
C ASP A 343 18.51 15.42 3.27
N TYR A 344 18.09 14.53 4.17
CA TYR A 344 18.91 13.35 4.45
C TYR A 344 19.01 12.49 3.21
N LEU A 345 17.86 12.23 2.59
CA LEU A 345 17.78 11.42 1.38
C LEU A 345 18.61 12.05 0.27
N GLU A 346 18.59 13.38 0.19
CA GLU A 346 19.32 14.11 -0.84
C GLU A 346 20.82 13.85 -0.77
N MET A 347 21.33 13.54 0.42
CA MET A 347 22.75 13.36 0.61
C MET A 347 23.22 11.92 0.35
N GLN A 348 22.27 11.01 0.13
CA GLN A 348 22.61 9.62 -0.17
C GLN A 348 22.97 9.44 -1.65
N PRO A 349 24.04 8.68 -1.93
CA PRO A 349 24.60 8.48 -3.28
C PRO A 349 23.77 7.59 -4.20
N ASP A 350 22.78 6.88 -3.66
CA ASP A 350 21.96 5.97 -4.45
C ASP A 350 20.71 5.62 -3.67
N LEU A 351 19.58 6.21 -4.05
CA LEU A 351 18.35 6.06 -3.30
C LEU A 351 17.75 4.67 -3.48
N SER A 352 18.12 3.99 -4.56
CA SER A 352 17.65 2.64 -4.80
C SER A 352 18.09 1.73 -3.66
N ALA A 353 19.24 2.05 -3.07
CA ALA A 353 19.78 1.28 -1.95
C ALA A 353 18.94 1.40 -0.67
N LEU A 354 18.11 2.42 -0.58
CA LEU A 354 17.32 2.61 0.64
C LEU A 354 15.93 2.01 0.53
N VAL A 355 15.65 1.36 -0.59
CA VAL A 355 14.34 0.75 -0.81
C VAL A 355 14.19 -0.54 0.00
N ARG A 356 13.16 -0.57 0.83
CA ARG A 356 12.85 -1.75 1.62
C ARG A 356 12.18 -2.80 0.75
N GLY A 357 12.49 -4.06 0.99
CA GLY A 357 11.92 -5.14 0.22
C GLY A 357 11.95 -6.47 0.93
N ALA A 358 12.24 -6.43 2.23
CA ALA A 358 12.18 -7.62 3.09
C ALA A 358 12.98 -8.79 2.56
N HIS A 359 14.23 -9.04 2.96
CA HIS A 359 15.03 -8.57 4.13
C HIS A 359 14.53 -7.57 5.19
N THR A 360 14.14 -6.35 4.79
CA THR A 360 13.57 -5.35 5.69
C THR A 360 12.45 -5.86 6.63
N TYR A 361 11.51 -6.62 6.08
CA TYR A 361 10.30 -6.98 6.83
C TYR A 361 10.29 -8.41 7.33
N LYS A 362 11.27 -9.21 6.91
CA LYS A 362 11.43 -10.55 7.42
C LYS A 362 11.55 -10.53 8.93
N CYS A 363 11.17 -11.64 9.57
CA CYS A 363 11.44 -11.85 10.99
C CYS A 363 12.88 -11.43 11.32
N PRO A 364 13.07 -10.60 12.36
CA PRO A 364 12.12 -10.24 13.43
C PRO A 364 11.37 -8.93 13.24
N ASN A 365 11.24 -8.44 12.01
CA ASN A 365 10.68 -7.10 11.83
C ASN A 365 9.30 -7.14 11.19
N LEU A 366 8.69 -5.96 11.03
CA LEU A 366 7.29 -5.91 10.66
C LEU A 366 6.89 -4.55 10.08
N GLY A 367 6.05 -4.59 9.06
CA GLY A 367 5.45 -3.39 8.51
C GLY A 367 3.94 -3.42 8.69
N ILE A 368 3.37 -2.30 9.14
CA ILE A 368 1.93 -2.16 9.25
C ILE A 368 1.49 -0.96 8.43
N THR A 369 0.85 -1.22 7.31
CA THR A 369 0.32 -0.17 6.48
C THR A 369 -1.18 -0.06 6.70
N SER A 370 -1.67 1.13 7.01
CA SER A 370 -3.10 1.28 7.25
C SER A 370 -3.84 1.98 6.12
N TRP A 371 -4.79 1.28 5.54
CA TRP A 371 -5.63 1.88 4.51
C TRP A 371 -6.94 2.41 5.10
N VAL A 372 -7.03 2.42 6.43
CA VAL A 372 -8.27 2.74 7.13
C VAL A 372 -8.91 4.07 6.68
N ARG A 373 -8.09 5.05 6.30
CA ARG A 373 -8.63 6.30 5.78
C ARG A 373 -8.71 6.43 4.28
N LEU A 374 -8.09 5.52 3.56
CA LEU A 374 -8.14 5.61 2.12
C LEU A 374 -9.57 5.36 1.65
N PRO A 375 -10.01 6.12 0.63
CA PRO A 375 -11.34 5.91 0.03
C PRO A 375 -11.33 4.69 -0.88
N ILE A 376 -11.00 3.54 -0.30
CA ILE A 376 -10.80 2.33 -1.09
C ILE A 376 -12.12 1.75 -1.59
N TYR A 377 -13.23 2.20 -1.03
CA TYR A 377 -14.53 1.62 -1.38
C TYR A 377 -15.36 2.53 -2.28
N ASP A 378 -14.78 3.65 -2.73
CA ASP A 378 -15.53 4.62 -3.53
C ASP A 378 -15.56 4.31 -5.02
N ALA A 379 -14.79 3.33 -5.46
CA ALA A 379 -14.74 2.98 -6.88
C ALA A 379 -16.03 2.29 -7.33
N ASP A 380 -17.04 3.11 -7.59
CA ASP A 380 -18.33 2.63 -8.08
C ASP A 380 -18.41 2.95 -9.56
N PHE A 381 -18.31 1.92 -10.41
CA PHE A 381 -18.26 2.14 -11.85
C PHE A 381 -19.64 2.21 -12.49
N GLY A 382 -20.68 2.08 -11.68
CA GLY A 382 -22.04 2.11 -12.16
C GLY A 382 -22.83 0.88 -11.72
N TRP A 383 -22.15 -0.09 -11.12
CA TRP A 383 -22.81 -1.31 -10.68
C TRP A 383 -22.64 -1.53 -9.18
N GLY A 384 -22.33 -0.44 -8.48
CA GLY A 384 -22.23 -0.48 -7.04
C GLY A 384 -20.79 -0.53 -6.53
N ARG A 385 -20.64 -0.24 -5.25
CA ARG A 385 -19.35 -0.24 -4.58
C ARG A 385 -18.87 -1.66 -4.36
N PRO A 386 -17.55 -1.85 -4.22
CA PRO A 386 -16.99 -3.20 -4.03
C PRO A 386 -17.39 -3.83 -2.70
N ILE A 387 -17.55 -5.15 -2.70
CA ILE A 387 -17.78 -5.87 -1.46
C ILE A 387 -16.47 -6.04 -0.70
N PHE A 388 -15.36 -5.98 -1.43
CA PHE A 388 -14.05 -6.04 -0.82
C PHE A 388 -13.02 -5.32 -1.66
N MET A 389 -12.05 -4.75 -0.97
CA MET A 389 -10.94 -4.09 -1.60
C MET A 389 -9.73 -4.33 -0.71
N GLY A 390 -8.66 -4.88 -1.28
CA GLY A 390 -7.49 -5.22 -0.50
C GLY A 390 -6.23 -5.29 -1.33
N PRO A 391 -5.09 -5.41 -0.66
CA PRO A 391 -3.82 -5.60 -1.37
C PRO A 391 -3.90 -6.82 -2.28
N GLY A 392 -3.42 -6.68 -3.51
CA GLY A 392 -3.51 -7.75 -4.50
C GLY A 392 -2.48 -8.83 -4.28
N GLY A 393 -2.28 -9.18 -3.02
CA GLY A 393 -1.31 -10.19 -2.68
C GLY A 393 -0.12 -9.62 -1.96
N ILE A 394 0.21 -10.22 -0.83
CA ILE A 394 1.35 -9.79 -0.03
C ILE A 394 2.58 -10.63 -0.35
N PRO A 395 3.59 -10.00 -0.98
CA PRO A 395 4.79 -10.70 -1.44
C PRO A 395 5.69 -11.13 -0.29
N TYR A 396 6.17 -10.17 0.50
CA TYR A 396 7.10 -10.46 1.59
C TYR A 396 6.43 -10.97 2.86
N GLU A 397 7.09 -11.89 3.55
CA GLU A 397 6.71 -12.19 4.92
C GLU A 397 7.00 -10.98 5.82
N GLY A 398 6.13 -10.69 6.77
CA GLY A 398 6.38 -9.63 7.73
C GLY A 398 5.74 -8.30 7.37
N LEU A 399 4.94 -8.34 6.31
CA LEU A 399 4.22 -7.17 5.81
C LEU A 399 2.73 -7.32 6.13
N SER A 400 2.10 -6.25 6.61
CA SER A 400 0.69 -6.34 6.98
C SER A 400 -0.11 -5.06 6.70
N PHE A 401 -1.40 -5.24 6.46
CA PHE A 401 -2.30 -4.13 6.12
C PHE A 401 -3.50 -4.09 7.05
N VAL A 402 -3.96 -2.89 7.38
CA VAL A 402 -5.19 -2.73 8.13
C VAL A 402 -6.28 -2.19 7.19
N LEU A 403 -7.33 -2.98 6.98
CA LEU A 403 -8.41 -2.61 6.09
C LEU A 403 -9.68 -2.20 6.84
N PRO A 404 -10.33 -1.12 6.38
CA PRO A 404 -11.60 -0.67 6.96
C PRO A 404 -12.78 -1.55 6.51
N SER A 405 -13.87 -1.55 7.27
CA SER A 405 -15.01 -2.38 6.91
C SER A 405 -15.72 -1.84 5.67
N PRO A 406 -16.01 -2.74 4.71
CA PRO A 406 -16.80 -2.46 3.51
C PRO A 406 -18.20 -2.04 3.89
N THR A 407 -18.77 -2.74 4.87
CA THR A 407 -20.12 -2.44 5.32
C THR A 407 -20.08 -1.14 6.12
N ASN A 408 -19.33 -1.16 7.21
CA ASN A 408 -19.19 -0.02 8.10
C ASN A 408 -20.52 0.35 8.78
N ASP A 409 -20.73 0.01 10.06
CA ASP A 409 -19.92 -0.86 10.94
C ASP A 409 -18.55 -0.28 11.34
N GLY A 410 -18.05 -0.73 12.49
CA GLY A 410 -16.79 -0.22 13.02
C GLY A 410 -15.76 -1.31 13.19
N SER A 411 -15.84 -2.32 12.34
CA SER A 411 -14.90 -3.43 12.34
C SER A 411 -13.69 -3.12 11.46
N LEU A 412 -12.54 -3.69 11.82
CA LEU A 412 -11.35 -3.60 10.98
C LEU A 412 -10.87 -4.99 10.61
N SER A 413 -10.10 -5.09 9.55
CA SER A 413 -9.49 -6.34 9.17
C SER A 413 -7.98 -6.16 9.12
N VAL A 414 -7.26 -7.20 9.52
CA VAL A 414 -5.81 -7.19 9.45
C VAL A 414 -5.36 -8.29 8.49
N ALA A 415 -4.68 -7.91 7.42
CA ALA A 415 -4.18 -8.86 6.43
C ALA A 415 -2.66 -8.95 6.52
N ILE A 416 -2.15 -10.16 6.75
CA ILE A 416 -0.77 -10.32 7.15
C ILE A 416 -0.10 -11.57 6.55
N ALA A 417 1.17 -11.42 6.16
CA ALA A 417 1.96 -12.56 5.72
C ALA A 417 3.02 -12.93 6.74
N LEU A 418 2.88 -14.12 7.33
CA LEU A 418 3.81 -14.66 8.31
C LEU A 418 4.27 -16.06 7.93
N GLN A 419 5.38 -16.52 8.51
CA GLN A 419 5.80 -17.92 8.35
C GLN A 419 4.66 -18.81 8.86
N SER A 420 4.43 -19.93 8.21
CA SER A 420 3.23 -20.73 8.42
C SER A 420 3.04 -21.21 9.86
N GLU A 421 4.12 -21.64 10.50
CA GLU A 421 4.04 -22.08 11.90
C GLU A 421 3.70 -20.89 12.79
N HIS A 422 4.35 -19.76 12.52
CA HIS A 422 4.10 -18.54 13.26
C HIS A 422 2.66 -18.07 13.10
N MET A 423 2.06 -18.33 11.94
CA MET A 423 0.72 -17.83 11.64
C MET A 423 -0.34 -18.41 12.58
N LYS A 424 -0.23 -19.71 12.88
CA LYS A 424 -1.21 -20.34 13.76
C LYS A 424 -1.13 -19.70 15.14
N LEU A 425 0.08 -19.42 15.61
CA LEU A 425 0.28 -18.78 16.90
C LEU A 425 -0.16 -17.31 16.95
N PHE A 426 -0.29 -16.64 15.81
CA PHE A 426 -0.56 -15.21 15.75
C PHE A 426 -1.95 -14.81 16.36
N GLU A 427 -2.55 -15.72 17.11
CA GLU A 427 -3.90 -15.58 17.65
C GLU A 427 -3.69 -15.40 19.14
N LYS A 428 -2.54 -14.79 19.40
CA LYS A 428 -2.34 -13.87 20.48
C LYS A 428 -3.14 -12.63 20.14
N PHE A 429 -3.66 -12.61 18.92
CA PHE A 429 -4.33 -11.45 18.39
C PHE A 429 -5.70 -11.19 18.99
N LEU A 430 -6.48 -12.23 19.19
CA LEU A 430 -7.84 -12.06 19.68
C LEU A 430 -7.86 -12.35 21.17
N PHE A 431 -6.80 -11.87 21.84
CA PHE A 431 -6.32 -12.40 23.11
C PHE A 431 -6.07 -11.31 24.14
#